data_4MDB
#
_entry.id   4MDB
#
_cell.length_a   44.240
_cell.length_b   44.240
_cell.length_c   206.280
_cell.angle_alpha   90.00
_cell.angle_beta   90.00
_cell.angle_gamma   90.00
#
_symmetry.space_group_name_H-M   'P 41 21 2'
#
loop_
_entity.id
_entity.type
_entity.pdbx_description
1 polymer 'Mariner Mos1 transposase'
2 non-polymer 'N-(4-fluorobenzyl)-5-hydroxy-1-methyl-2-(1-methyl-1-{[(5-methyl-1,3,4-oxadiazol-2-yl)carbonyl]amino}ethyl)-6-oxo-1,6-di hydropyrimidine-4-carboxamide'
3 non-polymer 'MAGNESIUM ION'
4 water water
#
_entity_poly.entity_id   1
_entity_poly.type   'polypeptide(L)'
_entity_poly.pdbx_seq_one_letter_code
;PHELNERQMERRKNTCEILLSRYKRKSFLHRIVTGDEKWIFFVNPKRKKSYVDPGQPATSTARPNRFGKKTMLCVWWDQS
GVIYYELLKPGETVNAARYQQQLINLNRALQRKRPEYQKRQHRVIFLHDNAPSHTARAVRDTLETLNWEVLPHAAYSPDL
APSDYHLFASMGHALAEQRFDSYESVKKWLDEWFAAKDDEFYWRGIHKLPERWEKCVASDGKYFE
;
_entity_poly.pdbx_strand_id   A
#
# COMPACT_ATOMS: atom_id res chain seq x y z
N HIS A 2 -6.01 0.78 19.49
CA HIS A 2 -5.56 2.20 19.69
C HIS A 2 -6.76 3.15 19.83
N GLU A 3 -6.83 3.86 20.97
CA GLU A 3 -7.76 4.99 21.11
C GLU A 3 -7.18 6.19 20.34
N LEU A 4 -7.95 6.66 19.36
CA LEU A 4 -7.57 7.85 18.64
C LEU A 4 -7.80 9.10 19.47
N ASN A 5 -6.87 10.03 19.42
CA ASN A 5 -7.14 11.27 20.11
C ASN A 5 -7.77 12.28 19.15
N GLU A 6 -7.99 13.48 19.66
CA GLU A 6 -8.70 14.51 18.94
C GLU A 6 -8.00 14.91 17.65
N ARG A 7 -6.68 15.09 17.73
CA ARG A 7 -5.84 15.48 16.58
C ARG A 7 -5.94 14.42 15.47
N GLN A 8 -5.87 13.17 15.88
CA GLN A 8 -5.88 12.01 14.96
C GLN A 8 -7.23 11.85 14.25
N MET A 9 -8.30 12.06 15.00
CA MET A 9 -9.65 11.90 14.42
C MET A 9 -9.91 13.08 13.51
N GLU A 10 -9.40 14.26 13.84
CA GLU A 10 -9.63 15.44 13.00
C GLU A 10 -8.90 15.25 11.65
N ARG A 11 -7.66 14.78 11.72
CA ARG A 11 -6.83 14.56 10.49
C ARG A 11 -7.49 13.50 9.60
N ARG A 12 -7.97 12.43 10.21
CA ARG A 12 -8.70 11.35 9.47
C ARG A 12 -9.91 11.93 8.79
N LYS A 13 -10.74 12.67 9.56
CA LYS A 13 -11.99 13.17 8.94
C LYS A 13 -11.70 14.13 7.84
N ASN A 14 -10.77 15.02 8.09
CA ASN A 14 -10.45 16.08 7.13
C ASN A 14 -9.85 15.47 5.82
N THR A 15 -8.98 14.50 6.01
CA THR A 15 -8.33 13.78 4.83
C THR A 15 -9.40 13.07 4.03
N CYS A 16 -10.27 12.32 4.70
CA CYS A 16 -11.36 11.65 3.98
C CYS A 16 -12.32 12.62 3.24
N GLU A 17 -12.63 13.78 3.86
CA GLU A 17 -13.48 14.78 3.17
C GLU A 17 -12.88 15.25 1.85
N ILE A 18 -11.58 15.52 1.89
CA ILE A 18 -10.81 16.03 0.76
C ILE A 18 -10.83 14.94 -0.33
N LEU A 19 -10.52 13.70 0.04
CA LEU A 19 -10.43 12.62 -0.98
C LEU A 19 -11.81 12.34 -1.60
N LEU A 20 -12.84 12.34 -0.76
CA LEU A 20 -14.21 12.03 -1.19
C LEU A 20 -14.75 13.09 -2.08
N SER A 21 -14.49 14.36 -1.75
CA SER A 21 -14.95 15.45 -2.61
C SER A 21 -14.20 15.48 -3.97
N ARG A 22 -12.92 15.20 -3.94
CA ARG A 22 -12.17 15.01 -5.21
C ARG A 22 -12.77 13.89 -6.01
N TYR A 23 -12.99 12.74 -5.38
CA TYR A 23 -13.55 11.56 -6.04
C TYR A 23 -14.83 11.87 -6.73
N LYS A 24 -15.68 12.64 -6.04
CA LYS A 24 -17.01 12.96 -6.60
C LYS A 24 -16.89 13.84 -7.83
N ARG A 25 -15.91 14.75 -7.85
CA ARG A 25 -15.71 15.61 -9.00
C ARG A 25 -15.19 14.75 -10.16
N LYS A 26 -14.18 13.88 -9.90
CA LYS A 26 -13.57 13.10 -10.99
C LYS A 26 -12.88 11.89 -10.41
N SER A 27 -13.44 10.71 -10.59
CA SER A 27 -12.78 9.53 -10.02
C SER A 27 -11.37 9.37 -10.49
N PHE A 28 -10.44 9.04 -9.57
CA PHE A 28 -9.01 8.89 -9.86
C PHE A 28 -8.52 7.55 -9.42
N LEU A 29 -9.43 6.69 -9.03
CA LEU A 29 -9.02 5.45 -8.40
C LEU A 29 -8.22 4.49 -9.28
N HIS A 30 -8.45 4.58 -10.60
CA HIS A 30 -7.74 3.75 -11.55
C HIS A 30 -6.29 4.17 -11.75
N ARG A 31 -5.89 5.32 -11.21
CA ARG A 31 -4.52 5.75 -11.27
C ARG A 31 -3.76 5.52 -9.95
N ILE A 32 -4.38 4.89 -8.95
CA ILE A 32 -3.71 4.72 -7.65
C ILE A 32 -2.81 3.47 -7.68
N VAL A 33 -1.61 3.69 -7.25
CA VAL A 33 -0.68 2.66 -6.95
C VAL A 33 -0.46 2.79 -5.44
N THR A 34 -0.53 1.66 -4.76
CA THR A 34 -0.44 1.68 -3.28
C THR A 34 0.51 0.63 -2.80
N GLY A 35 0.97 0.77 -1.56
CA GLY A 35 1.89 -0.21 -1.03
C GLY A 35 2.11 -0.05 0.43
N ASP A 36 2.72 -1.06 1.00
CA ASP A 36 2.96 -1.09 2.48
C ASP A 36 3.86 -2.32 2.75
N GLU A 37 4.41 -2.32 3.98
CA GLU A 37 5.32 -3.33 4.49
C GLU A 37 4.58 -4.19 5.52
N LYS A 38 4.90 -5.47 5.57
CA LYS A 38 4.42 -6.40 6.61
C LYS A 38 5.50 -7.46 6.94
N TRP A 39 5.66 -7.79 8.21
CA TRP A 39 6.53 -8.87 8.59
C TRP A 39 5.92 -10.22 8.31
N ILE A 40 6.73 -11.16 7.83
CA ILE A 40 6.34 -12.54 7.65
C ILE A 40 7.41 -13.35 8.42
N PHE A 41 6.92 -14.29 9.23
CA PHE A 41 7.75 -15.03 10.20
C PHE A 41 8.06 -16.45 9.69
N PHE A 42 9.24 -16.97 10.05
CA PHE A 42 9.68 -18.33 9.65
C PHE A 42 10.75 -18.84 10.60
N VAL A 43 10.56 -20.05 11.11
CA VAL A 43 11.53 -20.61 12.04
C VAL A 43 12.66 -21.39 11.37
N ASN A 44 13.86 -21.21 11.94
CA ASN A 44 15.08 -21.97 11.60
C ASN A 44 14.96 -23.37 12.17
N GLY A 68 12.58 -18.25 15.15
CA GLY A 68 12.47 -16.89 15.69
C GLY A 68 12.90 -15.81 14.69
N LYS A 69 12.78 -16.09 13.38
CA LYS A 69 13.23 -15.14 12.36
C LYS A 69 12.04 -14.56 11.58
N LYS A 70 12.29 -13.44 10.92
CA LYS A 70 11.28 -12.77 10.13
C LYS A 70 11.87 -11.99 8.99
N THR A 71 11.07 -11.84 7.92
CA THR A 71 11.45 -11.12 6.74
C THR A 71 10.33 -10.10 6.46
N MET A 72 10.73 -8.93 6.00
N MET A 72 10.71 -8.93 6.00
CA MET A 72 9.76 -7.92 5.67
CA MET A 72 9.76 -7.86 5.74
C MET A 72 9.36 -8.05 4.20
C MET A 72 9.35 -7.84 4.26
N LEU A 73 8.06 -8.13 4.02
CA LEU A 73 7.44 -8.02 2.69
C LEU A 73 7.19 -6.55 2.46
N CYS A 74 7.60 -6.06 1.29
CA CYS A 74 7.33 -4.69 0.84
C CYS A 74 6.64 -4.86 -0.49
N VAL A 75 5.41 -4.42 -0.62
CA VAL A 75 4.71 -4.72 -1.87
C VAL A 75 3.93 -3.50 -2.32
N TRP A 76 3.81 -3.40 -3.63
CA TRP A 76 3.08 -2.32 -4.31
C TRP A 76 2.17 -2.90 -5.37
N TRP A 77 0.98 -2.33 -5.49
CA TRP A 77 -0.09 -2.90 -6.30
C TRP A 77 -1.10 -1.89 -6.73
N ASP A 78 -1.91 -2.23 -7.72
CA ASP A 78 -3.00 -1.41 -8.17
C ASP A 78 -4.20 -2.27 -8.52
N GLN A 79 -5.20 -1.70 -9.19
CA GLN A 79 -6.43 -2.40 -9.37
C GLN A 79 -6.26 -3.56 -10.35
N SER A 80 -5.10 -3.68 -10.99
CA SER A 80 -4.82 -4.75 -11.96
C SER A 80 -4.00 -5.88 -11.39
N GLY A 81 -3.48 -5.69 -10.19
CA GLY A 81 -2.61 -6.69 -9.55
C GLY A 81 -1.36 -6.14 -8.93
N VAL A 82 -0.53 -7.04 -8.41
CA VAL A 82 0.74 -6.69 -7.86
C VAL A 82 1.73 -6.20 -8.89
N ILE A 83 2.33 -5.06 -8.69
CA ILE A 83 3.31 -4.47 -9.60
C ILE A 83 4.71 -4.97 -9.31
N TYR A 84 5.12 -4.95 -8.02
CA TYR A 84 6.46 -5.14 -7.63
C TYR A 84 6.45 -5.49 -6.17
N TYR A 85 7.29 -6.40 -5.75
CA TYR A 85 7.54 -6.57 -4.29
C TYR A 85 8.95 -7.01 -4.01
N GLU A 86 9.36 -6.72 -2.78
CA GLU A 86 10.64 -7.23 -2.23
C GLU A 86 10.41 -7.93 -0.93
N LEU A 87 11.17 -9.00 -0.71
CA LEU A 87 11.20 -9.70 0.56
C LEU A 87 12.62 -9.46 1.09
N LEU A 88 12.71 -8.80 2.21
CA LEU A 88 14.01 -8.37 2.70
C LEU A 88 14.67 -9.57 3.39
N LYS A 89 15.99 -9.51 3.47
CA LYS A 89 16.74 -10.55 4.12
C LYS A 89 16.40 -10.53 5.60
N PRO A 90 16.36 -11.71 6.21
CA PRO A 90 15.82 -11.84 7.55
C PRO A 90 16.33 -10.81 8.54
N GLY A 91 15.38 -10.20 9.26
CA GLY A 91 15.69 -9.22 10.29
C GLY A 91 15.91 -7.79 9.81
N GLU A 92 16.23 -7.59 8.52
CA GLU A 92 16.56 -6.27 7.95
C GLU A 92 15.27 -5.45 7.71
N THR A 93 15.42 -4.14 7.89
CA THR A 93 14.32 -3.22 8.00
C THR A 93 14.43 -2.27 6.78
N VAL A 94 13.35 -1.59 6.44
CA VAL A 94 13.36 -0.48 5.48
C VAL A 94 13.80 0.87 6.09
N ASN A 95 14.90 1.38 5.61
CA ASN A 95 15.36 2.72 5.97
C ASN A 95 15.20 3.66 4.78
N ALA A 96 15.58 4.92 4.97
CA ALA A 96 15.48 5.93 3.92
C ALA A 96 16.11 5.50 2.55
N ALA A 97 17.35 4.96 2.57
CA ALA A 97 18.05 4.62 1.34
C ALA A 97 17.42 3.43 0.62
N ARG A 98 16.96 2.48 1.41
CA ARG A 98 16.31 1.30 0.88
C ARG A 98 15.00 1.68 0.24
N TYR A 99 14.26 2.58 0.89
CA TYR A 99 12.91 2.93 0.34
C TYR A 99 13.10 3.69 -0.99
N GLN A 100 14.11 4.57 -1.05
CA GLN A 100 14.39 5.32 -2.25
C GLN A 100 14.67 4.38 -3.41
N GLN A 101 15.52 3.38 -3.16
CA GLN A 101 15.83 2.38 -4.16
C GLN A 101 14.63 1.51 -4.57
N GLN A 102 13.79 1.17 -3.60
CA GLN A 102 12.57 0.52 -3.90
C GLN A 102 11.66 1.31 -4.87
N LEU A 103 11.50 2.58 -4.62
CA LEU A 103 10.64 3.40 -5.46
C LEU A 103 11.17 3.43 -6.86
N ILE A 104 12.51 3.59 -6.97
CA ILE A 104 13.13 3.53 -8.31
C ILE A 104 12.91 2.20 -9.02
N ASN A 105 13.05 1.06 -8.33
CA ASN A 105 12.78 -0.22 -8.91
C ASN A 105 11.30 -0.42 -9.25
N LEU A 106 10.42 0.09 -8.40
CA LEU A 106 9.00 0.00 -8.60
C LEU A 106 8.64 0.74 -9.90
N ASN A 107 9.26 1.89 -10.15
CA ASN A 107 9.00 2.68 -11.34
C ASN A 107 9.41 1.82 -12.57
N ARG A 108 10.50 1.11 -12.48
CA ARG A 108 10.89 0.24 -13.60
C ARG A 108 9.84 -0.84 -13.88
N ALA A 109 9.32 -1.49 -12.83
CA ALA A 109 8.27 -2.45 -12.93
C ALA A 109 7.00 -1.86 -13.53
N LEU A 110 6.63 -0.65 -13.12
CA LEU A 110 5.42 0.03 -13.57
C LEU A 110 5.54 0.31 -15.10
N GLN A 111 6.72 0.74 -15.55
CA GLN A 111 6.95 0.98 -17.00
C GLN A 111 6.74 -0.28 -17.84
N ARG A 112 7.26 -1.37 -17.33
CA ARG A 112 7.15 -2.66 -17.97
C ARG A 112 5.76 -3.27 -17.94
N LYS A 113 5.00 -3.06 -16.85
CA LYS A 113 3.73 -3.78 -16.64
CA LYS A 113 3.74 -3.77 -16.63
C LYS A 113 2.47 -2.94 -16.83
N ARG A 114 2.63 -1.64 -16.89
CA ARG A 114 1.52 -0.70 -17.04
C ARG A 114 1.74 0.29 -18.18
N PRO A 115 1.43 -0.13 -19.41
CA PRO A 115 1.60 0.77 -20.57
C PRO A 115 1.02 2.18 -20.51
N GLU A 116 -0.12 2.34 -19.87
CA GLU A 116 -0.70 3.67 -19.65
C GLU A 116 0.28 4.59 -18.95
N TYR A 117 1.17 4.01 -18.15
CA TYR A 117 2.19 4.81 -17.49
C TYR A 117 3.45 4.98 -18.34
N GLN A 118 3.83 3.95 -19.08
CA GLN A 118 5.07 4.07 -19.87
C GLN A 118 4.88 5.24 -20.81
N LYS A 119 3.68 5.35 -21.36
CA LYS A 119 3.40 6.32 -22.42
C LYS A 119 3.16 7.72 -21.88
N ARG A 120 3.12 7.85 -20.56
CA ARG A 120 2.88 9.14 -19.94
C ARG A 120 1.49 9.69 -20.22
N GLN A 121 0.53 8.80 -20.44
CA GLN A 121 -0.82 9.26 -20.67
C GLN A 121 -1.44 9.41 -19.35
N HIS A 122 -0.75 8.90 -18.31
CA HIS A 122 -1.45 8.78 -17.04
C HIS A 122 -0.49 8.92 -15.86
N ARG A 123 -0.71 9.95 -15.05
CA ARG A 123 0.12 10.19 -13.88
C ARG A 123 -0.23 9.28 -12.73
N VAL A 124 0.79 8.73 -12.14
CA VAL A 124 0.67 7.84 -10.99
C VAL A 124 0.16 8.67 -9.82
N ILE A 125 -0.81 8.12 -9.08
CA ILE A 125 -1.21 8.65 -7.84
C ILE A 125 -0.72 7.62 -6.79
N PHE A 126 0.09 8.03 -5.84
CA PHE A 126 0.76 7.09 -4.95
C PHE A 126 0.19 7.20 -3.57
N LEU A 127 -0.22 6.06 -3.03
CA LEU A 127 -0.78 6.01 -1.68
C LEU A 127 0.05 5.13 -0.82
N HIS A 128 0.74 5.77 0.10
CA HIS A 128 1.50 5.04 1.12
C HIS A 128 1.33 5.70 2.46
N ASP A 129 1.70 4.97 3.50
CA ASP A 129 1.55 5.56 4.82
C ASP A 129 2.71 6.44 5.29
N ASN A 130 2.57 6.95 6.52
CA ASN A 130 3.50 7.95 7.04
C ASN A 130 4.67 7.45 7.82
N ALA A 131 5.08 6.22 7.58
CA ALA A 131 6.31 5.69 8.10
C ALA A 131 7.42 6.66 7.79
N PRO A 132 8.29 6.89 8.79
CA PRO A 132 9.36 7.89 8.57
C PRO A 132 10.19 7.73 7.30
N SER A 133 10.57 6.51 6.92
CA SER A 133 11.32 6.32 5.66
C SER A 133 10.52 6.72 4.43
N HIS A 134 9.22 6.75 4.59
CA HIS A 134 8.31 7.19 3.47
C HIS A 134 8.28 8.71 3.30
N THR A 135 8.73 9.47 4.29
CA THR A 135 8.61 10.95 4.18
C THR A 135 9.98 11.61 4.37
N ALA A 136 11.04 10.81 4.43
CA ALA A 136 12.41 11.37 4.58
C ALA A 136 12.80 12.22 3.40
N ARG A 137 13.81 13.08 3.54
CA ARG A 137 14.07 14.13 2.51
C ARG A 137 14.38 13.55 1.16
N ALA A 138 15.25 12.56 1.14
CA ALA A 138 15.69 11.90 -0.08
C ALA A 138 14.54 11.18 -0.78
N VAL A 139 13.62 10.60 -0.02
CA VAL A 139 12.49 9.91 -0.60
C VAL A 139 11.52 10.93 -1.17
N ARG A 140 11.34 12.05 -0.45
CA ARG A 140 10.40 13.10 -0.91
C ARG A 140 10.94 13.63 -2.25
N ASP A 141 12.25 13.78 -2.32
CA ASP A 141 12.92 14.23 -3.59
C ASP A 141 12.67 13.24 -4.72
N THR A 142 12.86 11.97 -4.42
CA THR A 142 12.70 10.94 -5.41
C THR A 142 11.24 10.90 -5.95
N LEU A 143 10.25 11.10 -5.05
CA LEU A 143 8.88 11.08 -5.45
C LEU A 143 8.55 12.29 -6.35
N GLU A 144 9.15 13.42 -6.02
CA GLU A 144 9.02 14.68 -6.83
C GLU A 144 9.61 14.44 -8.22
N THR A 145 10.79 13.82 -8.26
CA THR A 145 11.47 13.53 -9.55
C THR A 145 10.66 12.51 -10.39
N LEU A 146 10.16 11.44 -9.78
CA LEU A 146 9.22 10.51 -10.44
C LEU A 146 7.93 11.24 -10.83
N ASN A 147 7.61 12.24 -10.06
CA ASN A 147 6.44 13.11 -10.22
C ASN A 147 5.13 12.35 -10.14
N TRP A 148 5.08 11.49 -9.16
CA TRP A 148 3.85 10.88 -8.72
C TRP A 148 3.18 11.81 -7.78
N GLU A 149 1.88 11.86 -7.90
CA GLU A 149 1.09 12.62 -6.94
C GLU A 149 0.95 11.82 -5.66
N VAL A 150 1.38 12.39 -4.53
CA VAL A 150 1.33 11.70 -3.26
C VAL A 150 0.02 12.06 -2.54
N LEU A 151 -0.80 11.06 -2.33
CA LEU A 151 -2.09 11.25 -1.70
C LEU A 151 -1.90 11.43 -0.20
N PRO A 152 -2.73 12.32 0.41
CA PRO A 152 -2.73 12.49 1.85
C PRO A 152 -3.18 11.20 2.52
N HIS A 153 -2.58 10.93 3.64
CA HIS A 153 -2.93 9.78 4.43
C HIS A 153 -2.67 10.14 5.85
N ALA A 154 -3.71 9.97 6.66
CA ALA A 154 -3.64 10.17 8.10
C ALA A 154 -2.94 9.06 8.87
N ALA A 155 -2.22 9.47 9.90
CA ALA A 155 -1.71 8.53 10.90
C ALA A 155 -2.73 7.55 11.53
N TYR A 156 -2.27 6.36 11.89
CA TYR A 156 -3.06 5.30 12.49
C TYR A 156 -4.29 4.98 11.66
N SER A 157 -4.14 4.96 10.31
CA SER A 157 -5.32 4.68 9.48
C SER A 157 -5.16 3.46 8.54
N PRO A 158 -4.81 2.30 9.09
CA PRO A 158 -4.79 1.13 8.18
C PRO A 158 -6.15 0.71 7.65
N ASP A 159 -7.25 1.17 8.27
CA ASP A 159 -8.54 1.01 7.79
C ASP A 159 -8.83 1.80 6.54
N LEU A 160 -7.91 2.71 6.21
CA LEU A 160 -8.04 3.59 5.03
C LEU A 160 -6.92 3.24 3.99
N ALA A 161 -6.07 2.26 4.33
CA ALA A 161 -4.97 1.81 3.46
C ALA A 161 -5.34 0.48 2.80
N PRO A 162 -5.52 0.44 1.47
CA PRO A 162 -5.94 -0.83 0.85
C PRO A 162 -4.98 -2.02 1.13
N SER A 163 -3.69 -1.79 1.27
CA SER A 163 -2.78 -2.87 1.59
C SER A 163 -3.13 -3.51 2.91
N ASP A 164 -3.58 -2.69 3.87
CA ASP A 164 -3.98 -3.25 5.19
C ASP A 164 -5.39 -3.81 5.21
N TYR A 165 -6.39 -3.05 4.83
CA TYR A 165 -7.75 -3.58 4.97
C TYR A 165 -8.20 -4.61 3.96
N HIS A 166 -7.48 -4.70 2.83
CA HIS A 166 -7.75 -5.64 1.80
C HIS A 166 -6.66 -6.69 1.60
N LEU A 167 -5.49 -6.28 1.16
CA LEU A 167 -4.48 -7.22 0.70
C LEU A 167 -3.93 -8.07 1.84
N PHE A 168 -3.42 -7.43 2.86
CA PHE A 168 -2.80 -8.13 4.02
C PHE A 168 -3.89 -8.76 4.91
N ALA A 169 -5.10 -8.24 4.93
CA ALA A 169 -6.26 -8.84 5.63
C ALA A 169 -6.50 -10.25 5.06
N SER A 170 -6.57 -10.36 3.75
CA SER A 170 -6.74 -11.67 3.04
C SER A 170 -5.51 -12.53 3.25
N MET A 171 -4.34 -11.96 3.10
CA MET A 171 -3.02 -12.70 3.14
C MET A 171 -2.78 -13.23 4.53
N GLY A 172 -3.10 -12.43 5.53
CA GLY A 172 -2.86 -12.87 6.89
C GLY A 172 -3.60 -14.13 7.31
N HIS A 173 -4.82 -14.32 6.82
CA HIS A 173 -5.53 -15.56 7.06
C HIS A 173 -4.86 -16.77 6.47
N ALA A 174 -4.34 -16.63 5.26
CA ALA A 174 -3.68 -17.75 4.60
C ALA A 174 -2.32 -18.01 5.25
N LEU A 175 -1.62 -16.95 5.64
CA LEU A 175 -0.32 -17.05 6.25
C LEU A 175 -0.38 -17.85 7.53
N ALA A 176 -1.49 -17.74 8.25
CA ALA A 176 -1.56 -18.31 9.59
C ALA A 176 -1.52 -19.82 9.53
N GLU A 177 -1.82 -20.39 8.38
CA GLU A 177 -1.72 -21.82 8.17
C GLU A 177 -0.34 -22.30 7.64
N GLN A 178 0.60 -21.39 7.33
CA GLN A 178 1.92 -21.74 6.83
C GLN A 178 2.93 -21.84 7.95
N ARG A 179 3.91 -22.74 7.81
CA ARG A 179 5.11 -22.76 8.66
C ARG A 179 6.32 -22.79 7.76
N PHE A 180 6.75 -21.59 7.43
CA PHE A 180 7.81 -21.40 6.50
C PHE A 180 9.18 -21.83 7.05
N ASP A 181 9.97 -22.36 6.12
CA ASP A 181 11.23 -23.00 6.41
C ASP A 181 12.34 -22.09 5.99
N SER A 182 12.14 -21.45 4.85
CA SER A 182 13.20 -20.68 4.22
C SER A 182 12.67 -19.36 3.68
N TYR A 183 13.57 -18.42 3.57
CA TYR A 183 13.25 -17.20 2.93
C TYR A 183 12.61 -17.52 1.54
N GLU A 184 13.08 -18.56 0.83
CA GLU A 184 12.55 -18.82 -0.52
C GLU A 184 11.23 -19.60 -0.58
N SER A 185 10.84 -20.24 0.51
CA SER A 185 9.50 -20.81 0.54
C SER A 185 8.53 -19.62 0.60
N VAL A 186 8.88 -18.62 1.40
CA VAL A 186 8.02 -17.41 1.46
C VAL A 186 7.83 -16.80 0.07
N LYS A 187 8.93 -16.56 -0.63
CA LYS A 187 8.87 -15.98 -1.96
C LYS A 187 7.96 -16.79 -2.93
N LYS A 188 8.13 -18.11 -2.98
CA LYS A 188 7.23 -18.93 -3.76
C LYS A 188 5.77 -18.89 -3.30
N TRP A 189 5.55 -18.99 -2.01
CA TRP A 189 4.19 -18.89 -1.51
C TRP A 189 3.58 -17.55 -1.97
N LEU A 190 4.36 -16.48 -1.85
CA LEU A 190 3.79 -15.15 -2.29
C LEU A 190 3.57 -15.08 -3.78
N ASP A 191 4.52 -15.53 -4.58
CA ASP A 191 4.32 -15.62 -6.04
C ASP A 191 3.04 -16.32 -6.39
N GLU A 192 2.82 -17.49 -5.80
CA GLU A 192 1.61 -18.25 -6.11
C GLU A 192 0.31 -17.59 -5.62
N TRP A 193 0.39 -17.01 -4.42
CA TRP A 193 -0.76 -16.48 -3.73
C TRP A 193 -1.17 -15.23 -4.49
N PHE A 194 -0.21 -14.40 -4.81
CA PHE A 194 -0.54 -13.17 -5.60
C PHE A 194 -1.19 -13.51 -6.94
N ALA A 195 -0.69 -14.56 -7.56
CA ALA A 195 -1.04 -14.84 -8.96
C ALA A 195 -2.36 -15.56 -9.04
N ALA A 196 -2.71 -16.21 -7.95
CA ALA A 196 -3.95 -16.95 -7.85
C ALA A 196 -5.20 -16.08 -7.64
N LYS A 197 -5.01 -14.85 -7.15
CA LYS A 197 -6.09 -13.90 -7.03
C LYS A 197 -6.40 -13.38 -8.38
N ASP A 198 -7.68 -13.34 -8.69
CA ASP A 198 -8.16 -12.80 -9.95
C ASP A 198 -8.04 -11.28 -9.96
N ASP A 199 -8.04 -10.71 -11.17
CA ASP A 199 -7.96 -9.27 -11.34
C ASP A 199 -9.05 -8.59 -10.48
N GLU A 200 -10.21 -9.22 -10.34
CA GLU A 200 -11.33 -8.63 -9.64
C GLU A 200 -11.05 -8.40 -8.14
N PHE A 201 -10.26 -9.25 -7.52
CA PHE A 201 -9.91 -9.10 -6.11
C PHE A 201 -9.11 -7.80 -5.91
N TYR A 202 -8.19 -7.51 -6.82
CA TYR A 202 -7.36 -6.30 -6.73
C TYR A 202 -8.20 -5.06 -6.98
N TRP A 203 -9.07 -5.17 -8.01
CA TRP A 203 -9.97 -4.09 -8.34
C TRP A 203 -10.89 -3.74 -7.13
N ARG A 204 -11.49 -4.73 -6.54
CA ARG A 204 -12.35 -4.48 -5.38
C ARG A 204 -11.62 -3.78 -4.23
N GLY A 205 -10.40 -4.20 -3.94
CA GLY A 205 -9.69 -3.62 -2.85
C GLY A 205 -9.46 -2.13 -2.99
N ILE A 206 -9.18 -1.70 -4.21
CA ILE A 206 -8.95 -0.29 -4.49
C ILE A 206 -10.30 0.43 -4.51
N HIS A 207 -11.29 -0.16 -5.16
CA HIS A 207 -12.60 0.55 -5.29
C HIS A 207 -13.49 0.53 -4.03
N LYS A 208 -13.04 -0.13 -2.96
CA LYS A 208 -13.61 0.01 -1.64
C LYS A 208 -13.30 1.39 -1.02
N LEU A 209 -12.38 2.15 -1.61
CA LEU A 209 -11.88 3.40 -0.94
C LEU A 209 -13.03 4.39 -0.64
N PRO A 210 -13.85 4.68 -1.62
CA PRO A 210 -14.83 5.72 -1.34
C PRO A 210 -15.85 5.38 -0.28
N GLU A 211 -16.24 4.11 -0.15
CA GLU A 211 -17.18 3.68 0.86
C GLU A 211 -16.47 3.82 2.24
N ARG A 212 -15.18 3.50 2.29
CA ARG A 212 -14.39 3.69 3.49
C ARG A 212 -14.31 5.18 3.86
N TRP A 213 -13.95 6.01 2.90
CA TRP A 213 -13.86 7.48 3.13
C TRP A 213 -15.19 7.97 3.72
N GLU A 214 -16.30 7.52 3.12
CA GLU A 214 -17.67 7.97 3.55
C GLU A 214 -17.91 7.56 4.99
N LYS A 215 -17.56 6.33 5.32
CA LYS A 215 -17.75 5.82 6.68
C LYS A 215 -16.93 6.62 7.68
N CYS A 216 -15.69 6.93 7.32
CA CYS A 216 -14.85 7.73 8.16
C CYS A 216 -15.41 9.08 8.42
N VAL A 217 -15.94 9.73 7.39
CA VAL A 217 -16.56 11.04 7.54
C VAL A 217 -17.80 10.86 8.46
N ALA A 218 -18.56 9.79 8.25
CA ALA A 218 -19.77 9.62 9.07
C ALA A 218 -19.47 9.31 10.53
N SER A 219 -18.32 8.71 10.83
N SER A 219 -18.30 8.75 10.81
CA SER A 219 -17.77 8.42 12.08
CA SER A 219 -17.89 8.41 12.17
C SER A 219 -17.10 9.64 12.81
C SER A 219 -17.09 9.59 12.76
N ASP A 220 -17.09 10.73 12.06
CA ASP A 220 -16.32 11.94 12.43
C ASP A 220 -14.85 11.67 12.68
N GLY A 221 -14.27 10.77 11.89
CA GLY A 221 -12.87 10.45 12.13
C GLY A 221 -12.58 9.31 13.05
N LYS A 222 -13.57 8.77 13.76
CA LYS A 222 -13.31 7.57 14.58
C LYS A 222 -13.06 6.31 13.68
N TYR A 223 -12.61 5.21 14.26
CA TYR A 223 -12.69 3.90 13.60
C TYR A 223 -14.12 3.55 13.40
N PHE A 224 -14.41 2.64 12.46
CA PHE A 224 -15.77 2.39 12.09
C PHE A 224 -15.94 0.91 11.85
N GLU A 225 -17.20 0.53 11.65
CA GLU A 225 -17.57 -0.85 11.40
C GLU A 225 -17.81 -1.05 9.89
#